data_7FZD
#
_entry.id   7FZD
#
_cell.length_a   32.364
_cell.length_b   53.865
_cell.length_c   75.114
_cell.angle_alpha   90.000
_cell.angle_beta   90.000
_cell.angle_gamma   90.000
#
_symmetry.space_group_name_H-M   'P 21 21 21'
#
loop_
_entity.id
_entity.type
_entity.pdbx_description
1 polymer 'Fatty acid-binding protein, adipocyte'
2 non-polymer '(3aS,5R,6aS)-3-(4-chlorophenyl)-4,5,6,6a-tetrahydro-3aH-cyclopenta[d][1,2]oxazole-5-carboxylic acid'
3 non-polymer 'SULFATE ION'
4 non-polymer 'FORMIC ACID'
5 non-polymer '(1R,3R,4S)-3-(4-chlorobenzoyl)-4-hydroxycyclopentane-1-carboxylic acid'
6 water water
#
_entity_poly.entity_id   1
_entity_poly.type   'polypeptide(L)'
_entity_poly.pdbx_seq_one_letter_code
;GSHMCDAFVGTWKLVSSENFDDYMKEVGVGFATRKVAGMAKPNMIISVNGDVITIKSESTFKNTEISFILGQEFDEVTAD
DRKVKSTITLDGGVLVHVQKWDGKSTTIKRKREDDKLVVECVMKGVTSTRVYERA
;
_entity_poly.pdbx_strand_id   A
#
# COMPACT_ATOMS: atom_id res chain seq x y z
N HIS A 3 -13.17 -4.88 16.15
CA HIS A 3 -12.28 -6.08 15.78
C HIS A 3 -12.17 -6.22 14.32
N MET A 4 -12.65 -5.10 13.73
CA MET A 4 -12.28 -4.64 12.43
C MET A 4 -10.75 -4.44 12.30
N CYS A 5 -10.41 -5.35 11.50
CA CYS A 5 -9.13 -5.61 10.93
C CYS A 5 -8.17 -6.26 11.88
N ASP A 6 -8.65 -7.02 12.85
CA ASP A 6 -7.70 -7.53 13.85
C ASP A 6 -6.57 -8.29 13.29
N ALA A 7 -6.80 -9.08 12.29
CA ALA A 7 -5.74 -9.96 11.77
C ALA A 7 -4.71 -9.18 10.95
N PHE A 8 -4.99 -7.90 10.59
CA PHE A 8 -4.00 -7.06 9.93
C PHE A 8 -3.09 -6.34 10.90
N VAL A 9 -3.55 -6.11 12.14
CA VAL A 9 -2.80 -5.24 13.03
CA VAL A 9 -2.80 -5.22 13.01
C VAL A 9 -1.48 -5.86 13.39
N GLY A 10 -0.44 -5.03 13.46
CA GLY A 10 0.86 -5.44 13.86
C GLY A 10 1.94 -4.80 13.03
N THR A 11 3.14 -5.36 13.15
CA THR A 11 4.32 -4.84 12.48
C THR A 11 4.81 -5.95 11.52
N TRP A 12 4.97 -5.59 10.27
CA TRP A 12 5.20 -6.53 9.19
C TRP A 12 6.44 -6.10 8.46
N LYS A 13 7.21 -7.02 7.93
CA LYS A 13 8.43 -6.74 7.20
C LYS A 13 8.32 -7.36 5.81
N LEU A 14 8.77 -6.62 4.77
CA LEU A 14 8.75 -7.12 3.39
C LEU A 14 9.73 -8.30 3.25
N VAL A 15 9.26 -9.42 2.70
CA VAL A 15 10.09 -10.54 2.42
C VAL A 15 10.20 -10.94 0.98
N SER A 16 9.29 -10.53 0.11
CA SER A 16 9.48 -10.78 -1.31
C SER A 16 8.69 -9.79 -2.11
N SER A 17 9.14 -9.52 -3.31
CA SER A 17 8.44 -8.64 -4.24
C SER A 17 8.56 -9.25 -5.65
N GLU A 18 7.52 -9.13 -6.44
CA GLU A 18 7.55 -9.54 -7.83
C GLU A 18 6.87 -8.47 -8.64
N ASN A 19 7.52 -8.13 -9.75
CA ASN A 19 6.99 -7.25 -10.78
CA ASN A 19 6.96 -7.25 -10.78
C ASN A 19 6.78 -5.83 -10.31
N PHE A 20 7.42 -5.41 -9.23
CA PHE A 20 7.17 -4.06 -8.71
C PHE A 20 7.74 -3.01 -9.61
N ASP A 21 8.87 -3.23 -10.28
CA ASP A 21 9.41 -2.24 -11.21
C ASP A 21 8.38 -1.96 -12.34
N ASP A 22 7.81 -3.02 -12.91
CA ASP A 22 6.85 -2.82 -13.96
C ASP A 22 5.57 -2.14 -13.45
N TYR A 23 5.12 -2.44 -12.23
CA TYR A 23 4.00 -1.71 -11.68
C TYR A 23 4.32 -0.25 -11.55
N MET A 24 5.50 0.09 -11.00
CA MET A 24 5.89 1.49 -10.84
C MET A 24 5.99 2.18 -12.23
N LYS A 25 6.52 1.51 -13.25
CA LYS A 25 6.55 2.07 -14.57
C LYS A 25 5.14 2.43 -15.06
N GLU A 26 4.21 1.51 -14.86
CA GLU A 26 2.84 1.66 -15.33
C GLU A 26 2.19 2.88 -14.61
N VAL A 27 2.50 3.11 -13.34
CA VAL A 27 2.00 4.19 -12.55
C VAL A 27 2.63 5.55 -13.02
N GLY A 28 3.80 5.52 -13.58
CA GLY A 28 4.48 6.70 -14.07
C GLY A 28 5.71 7.11 -13.25
N VAL A 29 6.19 6.24 -12.37
CA VAL A 29 7.32 6.55 -11.52
C VAL A 29 8.56 6.63 -12.40
N GLY A 30 9.40 7.64 -12.18
CA GLY A 30 10.61 7.84 -12.95
C GLY A 30 11.74 6.91 -12.53
N PHE A 31 12.78 6.88 -13.37
CA PHE A 31 13.86 5.94 -13.24
C PHE A 31 14.47 5.94 -11.84
N ALA A 32 14.96 7.08 -11.39
CA ALA A 32 15.71 7.07 -10.15
C ALA A 32 14.89 6.68 -8.98
N THR A 33 13.65 7.16 -8.92
CA THR A 33 12.74 6.74 -7.86
C THR A 33 12.46 5.26 -7.95
N ARG A 34 12.26 4.69 -9.13
CA ARG A 34 12.04 3.25 -9.21
C ARG A 34 13.21 2.49 -8.64
N LYS A 35 14.43 2.92 -8.97
CA LYS A 35 15.61 2.14 -8.50
C LYS A 35 15.70 2.18 -7.00
N VAL A 36 15.57 3.38 -6.44
CA VAL A 36 15.70 3.47 -4.93
CA VAL A 36 15.74 3.47 -4.96
C VAL A 36 14.52 2.83 -4.21
N ALA A 37 13.33 3.07 -4.72
CA ALA A 37 12.13 2.48 -4.11
C ALA A 37 12.15 0.98 -4.22
N GLY A 38 12.66 0.43 -5.32
CA GLY A 38 12.65 -0.96 -5.52
C GLY A 38 13.63 -1.70 -4.58
N MET A 39 14.67 -1.02 -4.12
CA MET A 39 15.60 -1.60 -3.15
C MET A 39 15.02 -1.67 -1.76
N ALA A 40 14.05 -0.85 -1.43
CA ALA A 40 13.62 -0.74 -0.05
C ALA A 40 12.98 -2.04 0.46
N LYS A 41 13.17 -2.23 1.74
CA LYS A 41 12.59 -3.39 2.49
C LYS A 41 11.77 -2.81 3.62
N PRO A 42 10.60 -2.28 3.31
CA PRO A 42 9.84 -1.54 4.32
C PRO A 42 9.30 -2.43 5.42
N ASN A 43 9.11 -1.79 6.55
CA ASN A 43 8.21 -2.28 7.58
C ASN A 43 6.87 -1.59 7.43
N MET A 44 5.80 -2.37 7.51
CA MET A 44 4.44 -1.87 7.44
CA MET A 44 4.41 -1.89 7.40
C MET A 44 3.83 -2.05 8.83
N ILE A 45 3.33 -0.97 9.42
CA ILE A 45 2.81 -1.00 10.77
CA ILE A 45 2.79 -0.99 10.76
C ILE A 45 1.34 -0.61 10.69
N ILE A 46 0.46 -1.53 11.05
CA ILE A 46 -0.98 -1.34 10.94
C ILE A 46 -1.55 -1.31 12.36
N SER A 47 -2.39 -0.33 12.63
CA SER A 47 -3.05 -0.23 13.92
C SER A 47 -4.45 0.29 13.73
N VAL A 48 -5.30 0.06 14.72
CA VAL A 48 -6.67 0.47 14.70
C VAL A 48 -7.01 1.08 16.02
N ASN A 49 -7.71 2.23 16.01
CA ASN A 49 -8.18 2.89 17.21
C ASN A 49 -9.61 3.33 16.90
N GLY A 50 -10.57 2.63 17.45
CA GLY A 50 -11.98 2.90 17.10
C GLY A 50 -12.23 2.61 15.62
N ASP A 51 -12.78 3.56 14.91
CA ASP A 51 -13.02 3.43 13.50
C ASP A 51 -11.81 3.83 12.63
N VAL A 52 -10.76 4.35 13.24
CA VAL A 52 -9.64 4.86 12.47
C VAL A 52 -8.54 3.80 12.33
N ILE A 53 -8.21 3.50 11.08
CA ILE A 53 -7.12 2.59 10.76
C ILE A 53 -5.94 3.43 10.36
N THR A 54 -4.74 3.07 10.85
CA THR A 54 -3.49 3.75 10.46
C THR A 54 -2.59 2.70 9.85
N ILE A 55 -2.04 3.02 8.68
CA ILE A 55 -1.02 2.22 8.01
C ILE A 55 0.21 3.07 7.82
N LYS A 56 1.31 2.67 8.41
CA LYS A 56 2.60 3.32 8.23
C LYS A 56 3.49 2.42 7.44
N SER A 57 4.31 3.00 6.60
CA SER A 57 5.36 2.25 5.82
C SER A 57 6.65 2.96 6.15
N GLU A 58 7.62 2.21 6.63
CA GLU A 58 8.88 2.83 6.90
C GLU A 58 10.01 2.14 6.36
N SER A 59 10.88 2.88 5.68
CA SER A 59 12.03 2.28 4.96
C SER A 59 13.05 3.31 4.83
N THR A 60 14.19 2.87 4.30
CA THR A 60 15.27 3.78 4.00
C THR A 60 14.87 4.77 2.95
N PHE A 61 13.94 4.44 2.06
CA PHE A 61 13.53 5.31 0.98
C PHE A 61 12.60 6.40 1.43
N LYS A 62 11.48 6.02 2.01
CA LYS A 62 10.51 6.96 2.49
CA LYS A 62 10.48 6.99 2.50
C LYS A 62 9.75 6.40 3.72
N ASN A 63 9.32 7.30 4.56
CA ASN A 63 8.35 6.95 5.57
C ASN A 63 7.03 7.58 5.17
N THR A 64 5.97 6.79 5.13
CA THR A 64 4.62 7.26 4.81
C THR A 64 3.69 6.86 5.94
N GLU A 65 2.59 7.58 6.05
CA GLU A 65 1.56 7.25 7.01
C GLU A 65 0.22 7.71 6.49
N ILE A 66 -0.78 6.83 6.53
CA ILE A 66 -2.15 7.18 6.23
C ILE A 66 -3.01 6.74 7.40
N SER A 67 -4.01 7.57 7.73
CA SER A 67 -5.07 7.24 8.66
C SER A 67 -6.40 7.49 7.98
N PHE A 68 -7.35 6.61 8.20
CA PHE A 68 -8.58 6.66 7.43
C PHE A 68 -9.68 5.84 8.13
N ILE A 69 -10.90 6.17 7.72
CA ILE A 69 -12.11 5.45 8.03
C ILE A 69 -12.58 4.71 6.79
N LEU A 70 -12.96 3.44 6.93
CA LEU A 70 -13.37 2.68 5.76
C LEU A 70 -14.54 3.37 5.06
N GLY A 71 -14.41 3.44 3.73
CA GLY A 71 -15.42 4.03 2.88
C GLY A 71 -15.37 5.54 2.75
N GLN A 72 -14.46 6.20 3.42
CA GLN A 72 -14.43 7.67 3.53
C GLN A 72 -13.16 8.21 2.84
N GLU A 73 -13.34 8.86 1.71
CA GLU A 73 -12.24 9.31 0.88
CA GLU A 73 -12.24 9.33 0.87
C GLU A 73 -11.30 10.29 1.65
N PHE A 74 -10.05 10.24 1.31
CA PHE A 74 -9.05 11.09 1.90
C PHE A 74 -7.96 11.43 0.91
N ASP A 75 -7.21 12.48 1.21
CA ASP A 75 -6.18 12.86 0.32
CA ASP A 75 -5.96 12.89 0.52
C ASP A 75 -4.83 12.12 0.93
N GLU A 76 -4.00 11.65 -0.02
CA GLU A 76 -2.77 10.87 0.26
C GLU A 76 -1.68 11.49 -0.64
N VAL A 77 -0.48 11.62 -0.10
CA VAL A 77 0.72 11.87 -0.91
C VAL A 77 1.47 10.53 -0.91
N THR A 78 1.65 9.94 -2.06
CA THR A 78 2.25 8.64 -2.14
C THR A 78 3.78 8.73 -2.01
N ALA A 79 4.43 7.59 -1.86
CA ALA A 79 5.88 7.59 -1.68
C ALA A 79 6.62 8.22 -2.86
N ASP A 80 6.06 8.07 -4.05
CA ASP A 80 6.55 8.70 -5.28
C ASP A 80 6.00 10.12 -5.56
N ASP A 81 5.34 10.71 -4.56
CA ASP A 81 4.92 12.11 -4.61
CA ASP A 81 4.87 12.09 -4.51
C ASP A 81 3.74 12.39 -5.48
N ARG A 82 2.93 11.36 -5.79
CA ARG A 82 1.62 11.66 -6.40
C ARG A 82 0.72 12.20 -5.35
N LYS A 83 -0.17 13.11 -5.74
CA LYS A 83 -1.22 13.65 -4.89
CA LYS A 83 -1.22 13.62 -4.84
C LYS A 83 -2.50 12.97 -5.34
N VAL A 84 -2.95 12.00 -4.52
CA VAL A 84 -4.06 11.19 -4.94
C VAL A 84 -5.26 11.32 -3.97
N LYS A 85 -6.40 10.93 -4.49
CA LYS A 85 -7.61 10.78 -3.67
CA LYS A 85 -7.66 10.77 -3.72
C LYS A 85 -7.84 9.31 -3.49
N SER A 86 -7.86 8.88 -2.22
CA SER A 86 -7.90 7.48 -1.85
C SER A 86 -9.17 7.12 -1.12
N THR A 87 -9.66 5.90 -1.38
CA THR A 87 -10.75 5.33 -0.62
C THR A 87 -10.41 3.89 -0.33
N ILE A 88 -10.54 3.49 0.93
CA ILE A 88 -10.22 2.13 1.36
C ILE A 88 -11.46 1.50 1.96
N THR A 89 -11.80 0.33 1.49
CA THR A 89 -12.93 -0.43 1.99
C THR A 89 -12.49 -1.87 2.31
N LEU A 90 -13.34 -2.57 3.05
CA LEU A 90 -13.14 -4.01 3.31
CA LEU A 90 -13.18 -4.04 3.26
C LEU A 90 -14.14 -4.77 2.39
N ASP A 91 -13.65 -5.66 1.61
CA ASP A 91 -14.45 -6.45 0.73
C ASP A 91 -14.15 -7.88 0.98
N GLY A 92 -15.08 -8.55 1.64
CA GLY A 92 -14.83 -9.91 1.93
C GLY A 92 -13.49 -10.20 2.64
N GLY A 93 -13.25 -9.40 3.63
CA GLY A 93 -11.98 -9.62 4.38
C GLY A 93 -10.67 -9.04 3.80
N VAL A 94 -10.75 -8.47 2.62
CA VAL A 94 -9.61 -7.85 1.91
C VAL A 94 -9.71 -6.35 1.99
N LEU A 95 -8.63 -5.67 2.40
CA LEU A 95 -8.60 -4.21 2.35
C LEU A 95 -8.36 -3.81 0.90
N VAL A 96 -9.24 -3.02 0.31
CA VAL A 96 -9.17 -2.61 -1.08
C VAL A 96 -8.97 -1.09 -1.09
N HIS A 97 -7.84 -0.64 -1.60
CA HIS A 97 -7.42 0.75 -1.59
C HIS A 97 -7.35 1.25 -3.02
N VAL A 98 -8.22 2.18 -3.39
CA VAL A 98 -8.22 2.76 -4.72
C VAL A 98 -7.65 4.17 -4.61
N GLN A 99 -6.71 4.48 -5.49
CA GLN A 99 -6.11 5.82 -5.61
C GLN A 99 -6.45 6.40 -6.97
N LYS A 100 -6.93 7.62 -6.97
CA LYS A 100 -7.32 8.37 -8.18
C LYS A 100 -6.47 9.62 -8.29
N TRP A 101 -5.95 9.87 -9.49
CA TRP A 101 -5.17 11.11 -9.73
C TRP A 101 -5.05 11.33 -11.21
N ASP A 102 -5.13 12.56 -11.66
CA ASP A 102 -4.95 12.85 -13.07
C ASP A 102 -5.73 11.97 -14.05
N GLY A 103 -6.95 11.58 -13.69
CA GLY A 103 -7.75 10.70 -14.54
C GLY A 103 -7.39 9.23 -14.54
N LYS A 104 -6.39 8.88 -13.76
CA LYS A 104 -5.83 7.54 -13.63
C LYS A 104 -6.32 6.91 -12.33
N SER A 105 -6.14 5.61 -12.23
CA SER A 105 -6.56 4.83 -11.06
C SER A 105 -5.64 3.64 -10.88
N THR A 106 -5.32 3.32 -9.62
CA THR A 106 -4.65 2.08 -9.24
C THR A 106 -5.30 1.53 -8.01
N THR A 107 -5.27 0.20 -7.88
CA THR A 107 -5.86 -0.47 -6.75
C THR A 107 -4.81 -1.32 -6.06
N ILE A 108 -4.76 -1.20 -4.73
CA ILE A 108 -3.88 -1.93 -3.87
C ILE A 108 -4.74 -2.78 -2.95
N LYS A 109 -4.58 -4.10 -2.96
CA LYS A 109 -5.29 -5.00 -2.08
C LYS A 109 -4.31 -5.55 -1.04
N ARG A 110 -4.78 -5.65 0.20
CA ARG A 110 -4.02 -6.21 1.29
C ARG A 110 -4.87 -7.32 1.90
N LYS A 111 -4.26 -8.50 2.01
CA LYS A 111 -5.01 -9.66 2.55
C LYS A 111 -4.12 -10.51 3.42
N ARG A 112 -4.74 -11.16 4.38
CA ARG A 112 -4.06 -12.10 5.21
C ARG A 112 -4.17 -13.48 4.58
N GLU A 113 -3.04 -14.17 4.40
CA GLU A 113 -2.97 -15.52 3.80
C GLU A 113 -1.93 -16.29 4.62
N ASP A 114 -2.40 -17.31 5.33
CA ASP A 114 -1.55 -18.04 6.26
C ASP A 114 -0.95 -17.02 7.22
N ASP A 115 0.35 -17.06 7.48
CA ASP A 115 0.97 -16.12 8.39
C ASP A 115 1.47 -14.88 7.67
N LYS A 116 1.13 -14.69 6.43
CA LYS A 116 1.61 -13.55 5.62
C LYS A 116 0.53 -12.49 5.46
N LEU A 117 0.99 -11.32 5.14
CA LEU A 117 0.18 -10.26 4.63
C LEU A 117 0.63 -10.00 3.19
N VAL A 118 -0.28 -10.27 2.25
CA VAL A 118 0.02 -10.21 0.83
C VAL A 118 -0.57 -8.91 0.26
N VAL A 119 0.25 -8.16 -0.43
CA VAL A 119 -0.11 -6.87 -1.00
C VAL A 119 -0.06 -7.01 -2.53
N GLU A 120 -1.16 -6.74 -3.19
CA GLU A 120 -1.23 -6.80 -4.63
C GLU A 120 -1.53 -5.41 -5.17
N CYS A 121 -0.66 -4.91 -6.00
CA CYS A 121 -0.79 -3.56 -6.56
C CYS A 121 -1.08 -3.75 -8.07
N VAL A 122 -2.16 -3.12 -8.56
CA VAL A 122 -2.57 -3.30 -9.93
C VAL A 122 -2.74 -1.96 -10.61
N MET A 123 -2.17 -1.84 -11.77
CA MET A 123 -2.35 -0.64 -12.62
CA MET A 123 -2.40 -0.67 -12.65
C MET A 123 -2.57 -1.21 -14.03
N LYS A 124 -3.78 -1.00 -14.58
CA LYS A 124 -4.16 -1.53 -15.84
C LYS A 124 -3.90 -3.03 -15.80
N GLY A 125 -3.21 -3.56 -16.74
CA GLY A 125 -2.91 -5.01 -16.82
C GLY A 125 -1.74 -5.47 -16.01
N VAL A 126 -1.09 -4.58 -15.26
CA VAL A 126 0.17 -4.92 -14.55
C VAL A 126 -0.10 -5.11 -13.07
N THR A 127 0.27 -6.27 -12.55
CA THR A 127 0.15 -6.59 -11.13
CA THR A 127 0.11 -6.59 -11.15
C THR A 127 1.50 -6.83 -10.54
N SER A 128 1.69 -6.35 -9.33
CA SER A 128 2.84 -6.67 -8.48
C SER A 128 2.36 -7.26 -7.20
N THR A 129 3.06 -8.29 -6.71
CA THR A 129 2.78 -8.94 -5.46
C THR A 129 3.93 -8.78 -4.52
N ARG A 130 3.63 -8.26 -3.32
CA ARG A 130 4.61 -8.02 -2.27
C ARG A 130 4.16 -8.77 -1.04
N VAL A 131 5.00 -9.61 -0.49
CA VAL A 131 4.67 -10.47 0.62
C VAL A 131 5.39 -9.97 1.86
N TYR A 132 4.64 -9.81 2.96
CA TYR A 132 5.14 -9.39 4.24
C TYR A 132 4.92 -10.53 5.25
N GLU A 133 5.85 -10.61 6.21
CA GLU A 133 5.82 -11.54 7.35
CA GLU A 133 5.61 -11.48 7.36
C GLU A 133 5.82 -10.70 8.63
N ARG A 134 5.40 -11.26 9.75
CA ARG A 134 5.43 -10.55 11.01
C ARG A 134 6.88 -10.27 11.34
N ALA A 135 7.09 -9.06 11.85
CA ALA A 135 8.40 -8.62 12.25
C ALA A 135 8.80 -9.20 13.61
#